data_4NPF
#
_entry.id   4NPF
#
_cell.length_a   44.412
_cell.length_b   44.412
_cell.length_c   214.790
_cell.angle_alpha   90.000
_cell.angle_beta   90.000
_cell.angle_gamma   120.000
#
_symmetry.space_group_name_H-M   'P 65'
#
loop_
_entity.id
_entity.type
_entity.pdbx_description
1 polymer 'Immunoglobulin G-binding protein A'
2 water water
#
_entity_poly.entity_id   1
_entity_poly.type   'polypeptide(L)'
_entity_poly.pdbx_seq_one_letter_code
;ADNKFNKEQQNAWYEILHLPNLNEEQRNGFIQSLKDDPSQSANLLAEAKKLNDAQAPKADNKFNKEQQNAWYEILHLPNL
NEEQRNGFIQSLKDDPSQSANLLAEAKKLNDAQAPK
;
_entity_poly.pdbx_strand_id   Y,X
#
# COMPACT_ATOMS: atom_id res chain seq x y z
N ALA A 1 -27.64 -23.50 5.16
N ALA A 1 -27.49 -23.29 4.59
CA ALA A 1 -27.41 -22.03 5.04
CA ALA A 1 -27.32 -21.80 4.65
C ALA A 1 -28.61 -21.35 4.37
C ALA A 1 -28.51 -21.10 3.99
N ASP A 2 -28.86 -20.10 4.75
N ASP A 2 -28.78 -19.88 4.42
CA ASP A 2 -29.97 -19.34 4.19
CA ASP A 2 -29.88 -19.10 3.87
C ASP A 2 -29.71 -18.99 2.72
C ASP A 2 -29.61 -18.68 2.43
N ASN A 3 -30.79 -19.00 1.94
N ASN A 3 -30.64 -18.77 1.60
CA ASN A 3 -30.73 -18.71 0.51
CA ASN A 3 -30.56 -18.42 0.19
C ASN A 3 -30.85 -17.22 0.22
C ASN A 3 -30.73 -16.91 -0.05
N LYS A 4 -31.48 -16.50 1.14
N LYS A 4 -31.47 -16.26 0.83
CA LYS A 4 -31.69 -15.06 1.01
CA LYS A 4 -31.73 -14.82 0.73
C LYS A 4 -31.26 -14.32 2.27
C LYS A 4 -31.31 -14.08 1.99
N PHE A 5 -30.84 -13.07 2.12
N PHE A 5 -30.79 -12.87 1.82
CA PHE A 5 -30.57 -12.21 3.26
CA PHE A 5 -30.47 -11.99 2.93
C PHE A 5 -31.88 -11.74 3.87
C PHE A 5 -31.75 -11.49 3.58
N ASN A 6 -31.97 -11.80 5.20
N ASN A 6 -31.82 -11.57 4.90
CA ASN A 6 -33.04 -11.10 5.90
CA ASN A 6 -32.85 -10.86 5.65
C ASN A 6 -32.63 -9.63 6.06
C ASN A 6 -32.37 -9.42 5.87
N LYS A 7 -33.36 -8.89 6.88
N LYS A 7 -33.19 -8.60 6.49
CA LYS A 7 -33.11 -7.46 7.02
CA LYS A 7 -32.85 -7.19 6.68
C LYS A 7 -31.76 -7.20 7.69
C LYS A 7 -31.57 -7.00 7.48
N GLU A 8 -31.45 -8.00 8.70
N GLU A 8 -31.37 -7.84 8.50
CA GLU A 8 -30.20 -7.87 9.44
CA GLU A 8 -30.16 -7.77 9.32
C GLU A 8 -29.00 -8.16 8.54
C GLU A 8 -28.94 -8.18 8.51
N GLN A 9 -29.04 -9.30 7.88
N GLN A 9 -29.15 -9.05 7.53
CA GLN A 9 -27.95 -9.74 7.02
CA GLN A 9 -28.06 -9.54 6.70
C GLN A 9 -27.73 -8.78 5.85
C GLN A 9 -27.76 -8.55 5.57
N GLN A 10 -28.82 -8.22 5.33
N GLN A 10 -28.80 -7.94 5.02
CA GLN A 10 -28.75 -7.22 4.28
CA GLN A 10 -28.64 -6.86 4.06
C GLN A 10 -27.97 -6.00 4.75
C GLN A 10 -27.91 -5.69 4.72
N ASN A 11 -28.24 -5.57 5.98
N ASN A 11 -28.19 -5.49 6.00
CA ASN A 11 -27.58 -4.39 6.53
CA ASN A 11 -27.52 -4.44 6.78
C ASN A 11 -26.10 -4.65 6.78
C ASN A 11 -26.02 -4.63 6.78
N ALA A 12 -25.78 -5.87 7.18
N ALA A 12 -25.58 -5.82 7.16
CA ALA A 12 -24.40 -6.27 7.39
CA ALA A 12 -24.16 -6.14 7.24
C ALA A 12 -23.64 -6.18 6.08
C ALA A 12 -23.51 -5.97 5.86
N TRP A 13 -24.26 -6.69 5.02
N TRP A 13 -24.21 -6.45 4.83
CA TRP A 13 -23.68 -6.66 3.68
CA TRP A 13 -23.68 -6.40 3.47
C TRP A 13 -23.38 -5.22 3.24
C TRP A 13 -23.38 -4.97 3.02
N TYR A 14 -24.34 -4.32 3.44
N TYR A 14 -24.37 -4.10 3.09
CA TYR A 14 -24.20 -2.95 2.97
CA TYR A 14 -24.22 -2.73 2.61
C TYR A 14 -23.10 -2.20 3.72
C TYR A 14 -23.18 -1.97 3.44
N GLU A 15 -22.99 -2.43 5.02
N GLU A 15 -23.08 -2.32 4.72
CA GLU A 15 -21.92 -1.79 5.78
CA GLU A 15 -22.05 -1.72 5.57
C GLU A 15 -20.56 -2.32 5.34
C GLU A 15 -20.66 -2.16 5.14
N ILE A 16 -20.44 -3.63 5.20
N ILE A 16 -20.46 -3.47 5.04
CA ILE A 16 -19.20 -4.25 4.73
CA ILE A 16 -19.19 -4.03 4.61
C ILE A 16 -18.82 -3.70 3.35
C ILE A 16 -18.77 -3.49 3.25
N LEU A 17 -19.81 -3.48 2.51
N LEU A 17 -19.74 -3.33 2.36
CA LEU A 17 -19.59 -2.92 1.19
CA LEU A 17 -19.48 -2.79 1.03
C LEU A 17 -18.96 -1.53 1.28
C LEU A 17 -18.82 -1.42 1.09
N HIS A 18 -19.34 -0.77 2.31
N HIS A 18 -19.25 -0.60 2.05
CA HIS A 18 -18.96 0.64 2.42
CA HIS A 18 -18.85 0.80 2.11
C HIS A 18 -17.85 0.94 3.44
C HIS A 18 -17.72 1.10 3.11
N LEU A 19 -17.41 -0.07 4.20
N LEU A 19 -17.34 0.11 3.91
CA LEU A 19 -16.31 0.15 5.15
CA LEU A 19 -16.23 0.31 4.86
C LEU A 19 -15.08 0.65 4.38
C LEU A 19 -14.99 0.78 4.11
N PRO A 20 -14.61 1.87 4.68
N PRO A 20 -14.52 2.00 4.38
CA PRO A 20 -13.64 2.53 3.79
CA PRO A 20 -13.53 2.63 3.51
C PRO A 20 -12.21 1.97 3.81
C PRO A 20 -12.12 2.03 3.59
N ASN A 21 -11.81 1.34 4.91
N ASN A 21 -11.73 1.54 4.75
CA ASN A 21 -10.39 1.02 5.11
CA ASN A 21 -10.33 1.19 4.99
C ASN A 21 -10.03 -0.44 4.84
C ASN A 21 -9.99 -0.28 4.72
N LEU A 22 -11.01 -1.26 4.50
N LEU A 22 -10.98 -1.07 4.35
CA LEU A 22 -10.74 -2.64 4.12
CA LEU A 22 -10.72 -2.44 3.92
C LEU A 22 -10.01 -2.66 2.78
C LEU A 22 -10.03 -2.42 2.57
N ASN A 23 -8.96 -3.47 2.69
N ASN A 23 -9.14 -3.37 2.34
CA ASN A 23 -8.36 -3.75 1.39
CA ASN A 23 -8.53 -3.53 1.03
C ASN A 23 -9.33 -4.61 0.59
C ASN A 23 -9.42 -4.42 0.15
N GLU A 24 -9.16 -4.66 -0.72
N GLU A 24 -9.01 -4.64 -1.09
CA GLU A 24 -10.16 -5.30 -1.57
CA GLU A 24 -9.83 -5.39 -2.03
C GLU A 24 -10.17 -6.82 -1.45
C GLU A 24 -10.04 -6.84 -1.58
N GLU A 25 -9.05 -7.40 -1.00
N GLU A 25 -8.96 -7.48 -1.15
CA GLU A 25 -9.04 -8.83 -0.71
CA GLU A 25 -9.02 -8.87 -0.72
C GLU A 25 -9.89 -9.09 0.53
C GLU A 25 -9.95 -9.05 0.50
N GLN A 26 -9.83 -8.19 1.50
N GLN A 26 -9.81 -8.18 1.48
CA GLN A 26 -10.64 -8.31 2.70
CA GLN A 26 -10.60 -8.27 2.69
C GLN A 26 -12.12 -8.11 2.40
C GLN A 26 -12.09 -8.10 2.40
N ARG A 27 -12.43 -7.06 1.64
CA ARG A 27 -13.83 -6.76 1.34
C ARG A 27 -14.48 -7.90 0.56
N ASN A 28 -13.79 -8.38 -0.47
CA ASN A 28 -14.30 -9.52 -1.22
C ASN A 28 -14.50 -10.73 -0.33
N GLY A 29 -13.53 -11.00 0.53
CA GLY A 29 -13.59 -12.14 1.42
C GLY A 29 -14.81 -12.12 2.33
N PHE A 30 -15.06 -10.97 2.94
CA PHE A 30 -16.20 -10.83 3.85
C PHE A 30 -17.52 -10.94 3.10
N ILE A 31 -17.61 -10.32 1.93
CA ILE A 31 -18.84 -10.37 1.16
C ILE A 31 -19.15 -11.80 0.71
N GLN A 32 -18.16 -12.51 0.20
CA GLN A 32 -18.39 -13.88 -0.26
C GLN A 32 -18.71 -14.80 0.92
N SER A 33 -18.06 -14.58 2.06
N SER A 33 -18.10 -14.54 2.07
CA SER A 33 -18.30 -15.38 3.24
CA SER A 33 -18.39 -15.31 3.29
C SER A 33 -19.73 -15.18 3.74
C SER A 33 -19.83 -15.10 3.72
N LEU A 34 -20.21 -13.93 3.66
N LEU A 34 -20.31 -13.85 3.64
CA LEU A 34 -21.56 -13.60 4.08
CA LEU A 34 -21.65 -13.51 4.07
C LEU A 34 -22.57 -14.25 3.14
C LEU A 34 -22.70 -14.18 3.18
N LYS A 35 -22.26 -14.27 1.85
N LYS A 35 -22.45 -14.18 1.88
CA LYS A 35 -23.13 -14.90 0.87
CA LYS A 35 -23.35 -14.80 0.92
C LYS A 35 -23.09 -16.43 1.04
C LYS A 35 -23.36 -16.33 1.08
N ASP A 36 -21.94 -16.97 1.39
N ASP A 36 -22.23 -16.87 1.52
CA ASP A 36 -21.78 -18.41 1.58
CA ASP A 36 -22.12 -18.31 1.74
C ASP A 36 -22.48 -18.89 2.84
C ASP A 36 -22.98 -18.74 2.94
N ASP A 37 -22.52 -18.03 3.85
N ASP A 37 -22.87 -18.01 4.03
CA ASP A 37 -23.11 -18.39 5.14
CA ASP A 37 -23.63 -18.30 5.24
C ASP A 37 -23.66 -17.14 5.82
C ASP A 37 -24.11 -17.00 5.88
N PRO A 38 -24.86 -16.70 5.43
N PRO A 38 -25.29 -16.52 5.44
CA PRO A 38 -25.48 -15.49 5.99
CA PRO A 38 -25.85 -15.27 5.98
C PRO A 38 -25.60 -15.51 7.52
C PRO A 38 -26.03 -15.27 7.50
N SER A 39 -25.65 -16.69 8.11
N SER A 39 -26.15 -16.46 8.10
CA SER A 39 -25.83 -16.81 9.55
CA SER A 39 -26.36 -16.56 9.55
C SER A 39 -24.63 -16.26 10.33
C SER A 39 -25.14 -16.06 10.32
N GLN A 40 -23.49 -16.15 9.65
N GLN A 40 -24.01 -15.93 9.65
CA GLN A 40 -22.28 -15.63 10.28
CA GLN A 40 -22.79 -15.44 10.28
C GLN A 40 -22.18 -14.11 10.20
C GLN A 40 -22.67 -13.92 10.18
N SER A 41 -23.29 -13.45 9.87
N SER A 41 -23.76 -13.26 9.82
CA SER A 41 -23.27 -12.01 9.61
CA SER A 41 -23.75 -11.81 9.56
C SER A 41 -22.72 -11.19 10.78
C SER A 41 -23.21 -11.00 10.73
N ALA A 42 -23.14 -11.51 11.99
N ALA A 42 -23.62 -11.35 11.95
CA ALA A 42 -22.71 -10.75 13.16
CA ALA A 42 -23.20 -10.61 13.13
C ALA A 42 -21.20 -10.86 13.37
C ALA A 42 -21.69 -10.71 13.35
N ASN A 43 -20.68 -12.07 13.30
N ASN A 43 -21.16 -11.93 13.24
CA ASN A 43 -19.25 -12.29 13.50
CA ASN A 43 -19.73 -12.15 13.45
C ASN A 43 -18.42 -11.71 12.35
C ASN A 43 -18.89 -11.56 12.32
N LEU A 44 -18.91 -11.85 11.12
N LEU A 44 -19.35 -11.69 11.09
CA LEU A 44 -18.20 -11.32 9.97
CA LEU A 44 -18.63 -11.15 9.94
C LEU A 44 -18.16 -9.79 10.01
C LEU A 44 -18.57 -9.64 10.00
N LEU A 45 -19.29 -9.18 10.37
N LEU A 45 -19.70 -9.01 10.31
CA LEU A 45 -19.36 -7.73 10.46
CA LEU A 45 -19.78 -7.56 10.40
C LEU A 45 -18.42 -7.21 11.54
C LEU A 45 -18.86 -7.05 11.50
N ALA A 46 -18.42 -7.87 12.70
N ALA A 46 -18.81 -7.76 12.62
CA ALA A 46 -17.56 -7.48 13.80
CA ALA A 46 -17.98 -7.36 13.75
C ALA A 46 -16.09 -7.59 13.39
C ALA A 46 -16.50 -7.37 13.38
N GLU A 47 -15.76 -8.66 12.68
N GLU A 47 -16.05 -8.44 12.73
CA GLU A 47 -14.41 -8.89 12.20
CA GLU A 47 -14.64 -8.55 12.35
C GLU A 47 -14.01 -7.80 11.21
C GLU A 47 -14.29 -7.56 11.26
N ALA A 48 -14.91 -7.48 10.29
N ALA A 48 -15.24 -7.29 10.37
CA ALA A 48 -14.64 -6.47 9.27
CA ALA A 48 -15.03 -6.33 9.29
C ALA A 48 -14.50 -5.08 9.89
C ALA A 48 -14.82 -4.93 9.84
N LYS A 49 -15.34 -4.76 10.86
N LYS A 49 -15.68 -4.53 10.77
CA LYS A 49 -15.28 -3.46 11.51
CA LYS A 49 -15.56 -3.22 11.40
C LYS A 49 -13.98 -3.29 12.28
C LYS A 49 -14.28 -3.10 12.21
N LYS A 50 -13.51 -4.36 12.92
N LYS A 50 -13.83 -4.23 12.75
CA LYS A 50 -12.24 -4.32 13.64
CA LYS A 50 -12.60 -4.27 13.54
C LYS A 50 -11.10 -4.00 12.68
C LYS A 50 -11.38 -3.96 12.68
N LEU A 51 -11.08 -4.68 11.55
N LEU A 51 -11.24 -4.67 11.57
CA LEU A 51 -10.03 -4.45 10.57
CA LEU A 51 -10.12 -4.45 10.66
C LEU A 51 -10.15 -3.05 9.95
C LEU A 51 -10.17 -3.05 10.07
N ASN A 52 -11.38 -2.61 9.73
CA ASN A 52 -11.58 -1.27 9.19
C ASN A 52 -11.09 -0.18 10.12
N ASP A 53 -11.43 -0.28 11.40
CA ASP A 53 -11.02 0.73 12.36
C ASP A 53 -9.52 0.75 12.56
N ALA A 54 -8.90 -0.42 12.47
CA ALA A 54 -7.46 -0.57 12.67
C ALA A 54 -6.65 -0.08 11.47
N GLN A 55 -7.30 0.07 10.32
N GLN A 55 -7.30 0.05 10.32
CA GLN A 55 -6.62 0.43 9.09
CA GLN A 55 -6.63 0.41 9.09
C GLN A 55 -6.97 1.83 8.60
C GLN A 55 -6.94 1.84 8.64
N ALA A 56 -7.47 2.67 9.50
N ALA A 56 -7.59 2.61 9.51
CA ALA A 56 -7.74 4.07 9.17
CA ALA A 56 -7.83 4.02 9.23
C ALA A 56 -6.41 4.79 8.97
C ALA A 56 -6.49 4.73 9.07
N PRO A 57 -6.34 5.71 7.99
N PRO A 57 -6.36 5.61 8.05
CA PRO A 57 -5.08 6.40 7.63
CA PRO A 57 -5.07 6.24 7.70
C PRO A 57 -4.33 6.98 8.84
C PRO A 57 -4.31 6.83 8.89
N LYS A 58 -3.01 6.79 8.85
N LYS A 58 -3.00 6.64 8.91
CA LYS A 58 -2.17 7.28 9.94
CA LYS A 58 -2.17 7.12 10.00
C LYS A 58 -1.96 8.78 9.81
C LYS A 58 -1.94 8.63 9.92
N ALA A 59 -1.95 9.47 10.95
N ALA A 59 -1.97 9.27 11.08
CA ALA A 59 -1.73 10.91 10.97
CA ALA A 59 -1.76 10.72 11.18
C ALA A 59 -0.29 11.24 10.58
C ALA A 59 -0.31 11.07 10.84
N ASP A 60 -0.05 12.49 10.21
N ASP A 60 -0.13 12.27 10.30
CA ASP A 60 1.29 12.94 9.86
CA ASP A 60 1.21 12.77 10.00
C ASP A 60 2.11 13.18 11.13
C ASP A 60 1.99 12.96 11.29
N ASN A 61 3.41 12.97 11.05
N ASN A 61 3.29 12.67 11.25
CA ASN A 61 4.28 13.10 12.21
CA ASN A 61 4.13 12.77 12.44
C ASN A 61 4.37 14.52 12.74
C ASN A 61 4.26 14.20 12.95
N LYS A 62 4.09 15.49 11.89
N LYS A 62 4.03 15.18 12.09
CA LYS A 62 4.20 16.90 12.28
CA LYS A 62 4.19 16.58 12.46
C LYS A 62 3.02 17.35 13.13
C LYS A 62 3.00 17.13 13.23
N PHE A 63 1.98 16.52 13.21
N PHE A 63 1.89 16.38 13.24
CA PHE A 63 0.78 16.87 13.95
CA PHE A 63 0.70 16.79 13.99
C PHE A 63 1.05 16.88 15.46
C PHE A 63 1.01 16.84 15.48
N ASN A 64 0.47 17.86 16.15
CA ASN A 64 0.52 17.89 17.61
C ASN A 64 -0.66 17.05 18.13
N LYS A 65 -0.84 16.97 19.43
CA LYS A 65 -1.85 16.08 19.98
C LYS A 65 -3.26 16.51 19.58
N GLU A 66 -3.50 17.81 19.56
CA GLU A 66 -4.82 18.32 19.19
C GLU A 66 -5.16 17.91 17.75
N GLN A 67 -4.19 18.07 16.86
CA GLN A 67 -4.39 17.73 15.46
C GLN A 67 -4.60 16.23 15.26
N GLN A 68 -3.83 15.42 15.98
N GLN A 68 -3.84 15.41 15.98
CA GLN A 68 -3.97 13.98 15.86
CA GLN A 68 -3.97 13.96 15.84
C GLN A 68 -5.31 13.51 16.40
C GLN A 68 -5.28 13.45 16.44
N ASN A 69 -5.74 14.08 17.53
CA ASN A 69 -7.03 13.71 18.11
C ASN A 69 -8.19 14.04 17.17
N ALA A 70 -8.10 15.20 16.51
CA ALA A 70 -9.11 15.60 15.53
C ALA A 70 -9.12 14.65 14.35
N TRP A 71 -7.92 14.35 13.84
CA TRP A 71 -7.73 13.43 12.72
C TRP A 71 -8.43 12.10 12.99
N TYR A 72 -8.10 11.46 14.11
N TYR A 72 -8.05 11.46 14.10
CA TYR A 72 -8.62 10.13 14.37
CA TYR A 72 -8.60 10.16 14.45
C TYR A 72 -10.11 10.12 14.74
C TYR A 72 -10.11 10.23 14.60
N GLU A 73 -10.60 11.19 15.36
CA GLU A 73 -12.03 11.26 15.64
C GLU A 73 -12.82 11.36 14.34
N ILE A 74 -12.38 12.25 13.45
CA ILE A 74 -13.05 12.39 12.16
C ILE A 74 -13.06 11.06 11.40
N LEU A 75 -11.96 10.34 11.46
CA LEU A 75 -11.84 9.09 10.73
C LEU A 75 -12.76 7.98 11.24
N HIS A 76 -13.27 8.12 12.46
N HIS A 76 -13.27 8.14 12.46
CA HIS A 76 -14.09 7.06 13.07
CA HIS A 76 -14.07 7.10 13.11
C HIS A 76 -15.53 7.49 13.36
C HIS A 76 -15.48 7.56 13.49
N LEU A 77 -15.90 8.70 12.96
CA LEU A 77 -17.28 9.16 13.16
C LEU A 77 -18.22 8.22 12.39
N PRO A 78 -19.23 7.65 13.08
CA PRO A 78 -20.04 6.59 12.47
C PRO A 78 -21.13 7.07 11.51
N ASN A 79 -21.52 8.33 11.60
CA ASN A 79 -22.66 8.84 10.83
C ASN A 79 -22.27 9.82 9.73
N LEU A 80 -21.10 9.59 9.14
CA LEU A 80 -20.69 10.28 7.92
C LEU A 80 -20.59 9.27 6.80
N ASN A 81 -20.95 9.66 5.59
CA ASN A 81 -20.59 8.85 4.43
C ASN A 81 -19.13 9.16 4.12
N GLU A 82 -18.55 8.40 3.20
N GLU A 82 -18.54 8.37 3.22
CA GLU A 82 -17.11 8.50 2.96
CA GLU A 82 -17.10 8.46 3.02
C GLU A 82 -16.73 9.73 2.12
C GLU A 82 -16.71 9.65 2.13
N GLU A 83 -17.67 10.25 1.34
N GLU A 83 -17.65 10.15 1.34
CA GLU A 83 -17.43 11.51 0.64
CA GLU A 83 -17.39 11.34 0.56
C GLU A 83 -17.28 12.62 1.66
C GLU A 83 -17.29 12.56 1.46
N GLN A 84 -18.15 12.63 2.65
N GLN A 84 -18.16 12.63 2.46
CA GLN A 84 -18.10 13.60 3.73
CA GLN A 84 -18.13 13.72 3.44
C GLN A 84 -16.83 13.45 4.56
C GLN A 84 -16.87 13.63 4.30
N ARG A 85 -16.54 12.21 4.97
N ARG A 85 -16.54 12.42 4.73
CA ARG A 85 -15.37 11.94 5.79
CA ARG A 85 -15.38 12.20 5.59
C ARG A 85 -14.08 12.33 5.07
C ARG A 85 -14.09 12.61 4.89
N ASN A 86 -13.92 11.84 3.84
N ASN A 86 -13.97 12.26 3.61
CA ASN A 86 -12.72 12.11 3.07
CA ASN A 86 -12.76 12.59 2.85
C ASN A 86 -12.54 13.61 2.79
C ASN A 86 -12.59 14.09 2.68
N GLY A 87 -13.66 14.33 2.70
N GLY A 87 -13.71 14.80 2.55
CA GLY A 87 -13.63 15.76 2.48
CA GLY A 87 -13.67 16.25 2.41
C GLY A 87 -12.97 16.48 3.65
C GLY A 87 -13.04 16.92 3.61
N PHE A 88 -13.40 16.14 4.87
N PHE A 88 -13.47 16.53 4.81
CA PHE A 88 -12.84 16.72 6.07
CA PHE A 88 -12.92 17.08 6.04
C PHE A 88 -11.36 16.37 6.19
C PHE A 88 -11.45 16.72 6.17
N ILE A 89 -11.04 15.11 5.91
N ILE A 89 -11.12 15.47 5.84
CA ILE A 89 -9.67 14.63 6.05
CA ILE A 89 -9.74 15.00 5.95
C ILE A 89 -8.71 15.31 5.08
C ILE A 89 -8.83 15.72 4.97
N GLN A 90 -9.14 15.50 3.85
N GLN A 90 -9.32 15.95 3.76
CA GLN A 90 -8.32 16.18 2.87
CA GLN A 90 -8.53 16.67 2.76
C GLN A 90 -8.04 17.61 3.30
C GLN A 90 -8.27 18.10 3.21
N SER A 91 -9.05 18.27 3.84
N SER A 91 -9.30 18.74 3.78
CA SER A 91 -8.92 19.64 4.31
CA SER A 91 -9.17 20.09 4.27
C SER A 91 -7.94 19.72 5.48
C SER A 91 -8.17 20.17 5.42
N LEU A 92 -7.96 18.70 6.33
N LEU A 92 -8.12 19.11 6.23
CA LEU A 92 -7.06 18.65 7.48
CA LEU A 92 -7.19 19.06 7.35
C LEU A 92 -5.62 18.51 7.01
C LEU A 92 -5.75 18.94 6.85
N LYS A 93 -5.38 17.62 6.05
N LYS A 93 -5.56 18.11 5.83
CA LYS A 93 -4.03 17.43 5.50
CA LYS A 93 -4.25 17.96 5.21
C LYS A 93 -3.52 18.71 4.85
C LYS A 93 -3.76 19.30 4.66
N ASP A 94 -4.39 19.42 4.15
N ASP A 94 -4.63 20.01 3.96
CA ASP A 94 -4.01 20.66 3.47
CA ASP A 94 -4.27 21.27 3.32
C ASP A 94 -3.62 21.75 4.47
C ASP A 94 -3.86 22.33 4.34
N ASP A 95 -4.25 21.75 5.63
N ASP A 95 -4.46 22.27 5.53
CA ASP A 95 -3.97 22.75 6.66
CA ASP A 95 -4.14 23.22 6.58
C ASP A 95 -4.37 22.24 8.04
C ASP A 95 -4.52 22.65 7.95
N PRO A 96 -3.45 21.54 8.73
N PRO A 96 -3.60 21.91 8.58
CA PRO A 96 -3.73 20.95 10.05
CA PRO A 96 -3.87 21.28 9.88
C PRO A 96 -4.14 21.98 11.10
C PRO A 96 -4.26 22.26 10.99
N SER A 97 -3.78 23.25 10.91
N SER A 97 -3.98 23.54 10.81
CA SER A 97 -4.11 24.27 11.90
CA SER A 97 -4.30 24.53 11.83
C SER A 97 -5.60 24.57 11.96
C SER A 97 -5.81 24.81 11.91
N GLN A 98 -6.37 23.98 11.04
N GLN A 98 -6.56 24.26 10.96
CA GLN A 98 -7.82 24.13 11.01
CA GLN A 98 -8.02 24.39 10.97
C GLN A 98 -8.52 22.92 11.60
C GLN A 98 -8.69 23.13 11.51
N SER A 99 -7.75 22.04 12.24
N SER A 99 -7.90 22.23 12.07
CA SER A 99 -8.27 20.75 12.71
CA SER A 99 -8.39 20.93 12.52
C SER A 99 -9.41 20.92 13.72
C SER A 99 -9.52 21.07 13.55
N ALA A 100 -9.40 22.01 14.48
N ALA A 100 -9.40 22.04 14.45
CA ALA A 100 -10.42 22.24 15.49
CA ALA A 100 -10.40 22.25 15.48
C ALA A 100 -11.78 22.56 14.86
C ALA A 100 -11.77 22.57 14.87
N ASN A 101 -11.78 23.49 13.91
CA ASN A 101 -13.02 23.86 13.22
C ASN A 101 -13.55 22.72 12.36
N LEU A 102 -12.64 21.99 11.73
CA LEU A 102 -13.03 20.86 10.90
C LEU A 102 -13.68 19.77 11.75
N LEU A 103 -13.10 19.50 12.92
CA LEU A 103 -13.66 18.50 13.83
C LEU A 103 -15.07 18.91 14.26
N ALA A 104 -15.23 20.19 14.61
N ALA A 104 -15.24 20.20 14.56
CA ALA A 104 -16.52 20.69 15.06
CA ALA A 104 -16.55 20.72 14.95
C ALA A 104 -17.58 20.58 13.96
C ALA A 104 -17.56 20.55 13.83
N GLU A 105 -17.16 20.87 12.73
N GLU A 105 -17.16 20.91 12.61
CA GLU A 105 -18.05 20.80 11.58
CA GLU A 105 -18.03 20.75 11.44
C GLU A 105 -18.45 19.35 11.32
C GLU A 105 -18.41 19.30 11.23
N ALA A 106 -17.49 18.44 11.49
N ALA A 106 -17.41 18.42 11.30
CA ALA A 106 -17.72 17.02 11.24
CA ALA A 106 -17.63 16.99 11.08
C ALA A 106 -18.62 16.40 12.29
C ALA A 106 -18.55 16.40 12.15
N LYS A 107 -18.40 16.76 13.56
N LYS A 107 -18.34 16.80 13.40
CA LYS A 107 -19.20 16.21 14.64
CA LYS A 107 -19.16 16.30 14.50
C LYS A 107 -20.64 16.68 14.56
C LYS A 107 -20.58 16.84 14.38
N LYS A 108 -20.84 17.92 14.14
N LYS A 108 -20.72 18.08 13.95
CA LYS A 108 -22.19 18.47 14.01
CA LYS A 108 -22.03 18.69 13.78
C LYS A 108 -22.97 17.72 12.94
C LYS A 108 -22.82 17.97 12.69
N LEU A 109 -22.32 17.46 11.82
N LEU A 109 -22.16 17.71 11.57
CA LEU A 109 -22.94 16.73 10.72
CA LEU A 109 -22.79 16.99 10.46
C LEU A 109 -23.23 15.30 11.14
C LEU A 109 -23.06 15.54 10.86
N ASN A 110 -22.26 14.69 11.81
N ASN A 110 -22.16 14.97 11.65
CA ASN A 110 -22.40 13.35 12.36
CA ASN A 110 -22.31 13.61 12.13
C ASN A 110 -23.62 13.24 13.26
C ASN A 110 -23.53 13.48 13.04
N ASP A 111 -23.76 14.20 14.19
N ASP A 111 -23.76 14.49 13.88
CA ASP A 111 -24.87 14.17 15.14
CA ASP A 111 -24.89 14.47 14.79
C ASP A 111 -26.20 14.43 14.44
C ASP A 111 -26.21 14.70 14.06
N ALA A 112 -26.18 15.29 13.42
N ALA A 112 -26.18 15.56 13.04
CA ALA A 112 -27.41 15.61 12.68
CA ALA A 112 -27.37 15.86 12.25
C ALA A 112 -27.90 14.43 11.86
C ALA A 112 -27.82 14.63 11.46
N GLN A 113 -26.96 13.61 11.36
N GLN A 113 -26.85 13.84 11.01
CA GLN A 113 -27.30 12.46 10.53
CA GLN A 113 -27.14 12.65 10.22
C GLN A 113 -27.42 11.18 11.34
C GLN A 113 -27.26 11.40 11.08
N ALA A 114 -27.42 11.31 12.67
N ALA A 114 -27.16 11.59 12.40
CA ALA A 114 -27.46 10.15 13.54
CA ALA A 114 -27.20 10.46 13.32
C ALA A 114 -28.80 9.43 13.43
C ALA A 114 -28.56 9.76 13.28
N PRO A 115 -28.79 8.10 13.64
N PRO A 115 -28.59 8.45 13.55
CA PRO A 115 -30.04 7.33 13.66
CA PRO A 115 -29.85 7.70 13.57
C PRO A 115 -30.75 7.52 14.99
C PRO A 115 -30.60 7.93 14.87
N LYS A 116 -31.93 6.90 15.14
N LYS A 116 -31.69 7.20 15.08
CA LYS A 116 -32.68 7.02 16.39
CA LYS A 116 -32.49 7.35 16.28
C LYS A 116 -31.91 6.39 17.53
C LYS A 116 -31.71 6.83 17.50
N ASP B 2 6.14 -10.52 18.39
N ASP B 2 5.54 -10.36 17.66
CA ASP B 2 7.06 -9.46 18.78
CA ASP B 2 6.58 -9.42 18.05
C ASP B 2 6.80 -8.20 17.96
C ASP B 2 6.38 -8.06 17.37
N ASN B 3 7.54 -7.14 18.26
N ASN B 3 7.17 -7.09 17.77
CA ASN B 3 7.39 -5.86 17.59
CA ASN B 3 7.07 -5.73 17.23
C ASN B 3 8.44 -5.64 16.52
C ASN B 3 8.04 -5.49 16.09
N LYS B 4 8.53 -6.59 15.60
N LYS B 4 8.24 -6.52 15.27
CA LYS B 4 9.45 -6.50 14.46
CA LYS B 4 9.13 -6.43 14.10
C LYS B 4 8.79 -7.07 13.22
C LYS B 4 8.45 -6.99 12.86
N PHE B 5 9.37 -6.77 12.06
N PHE B 5 9.05 -6.71 11.71
CA PHE B 5 8.94 -7.38 10.82
CA PHE B 5 8.60 -7.26 10.45
C PHE B 5 9.04 -8.90 10.93
C PHE B 5 8.71 -8.78 10.49
N ASN B 6 8.08 -9.61 10.35
N ASN B 6 7.73 -9.47 9.91
CA ASN B 6 8.23 -11.05 10.18
CA ASN B 6 7.83 -10.92 9.74
C ASN B 6 9.17 -11.31 9.01
C ASN B 6 8.77 -11.23 8.58
N LYS B 7 9.34 -12.56 8.64
N LYS B 7 8.98 -12.52 8.32
CA LYS B 7 10.30 -12.93 7.61
CA LYS B 7 9.93 -12.93 7.29
C LYS B 7 9.97 -12.31 6.25
C LYS B 7 9.60 -12.35 5.92
N GLU B 8 8.70 -12.35 5.86
N GLU B 8 8.30 -12.22 5.62
CA GLU B 8 8.29 -11.81 4.57
CA GLU B 8 7.87 -11.65 4.36
C GLU B 8 8.46 -10.29 4.53
C GLU B 8 8.10 -10.15 4.32
N GLN B 9 8.17 -9.64 5.64
N GLN B 9 7.82 -9.48 5.43
CA GLN B 9 8.24 -8.18 5.71
CA GLN B 9 7.95 -8.04 5.53
C GLN B 9 9.69 -7.71 5.74
C GLN B 9 9.42 -7.62 5.61
N GLN B 10 10.54 -8.44 6.45
N GLN B 10 10.26 -8.49 6.16
CA GLN B 10 11.96 -8.15 6.49
CA GLN B 10 11.69 -8.24 6.20
C GLN B 10 12.55 -8.29 5.09
C GLN B 10 12.28 -8.24 4.79
N ASN B 11 12.05 -9.26 4.34
N ASN B 11 11.77 -9.14 3.96
CA ASN B 11 12.51 -9.49 2.98
CA ASN B 11 12.22 -9.23 2.56
C ASN B 11 12.19 -8.29 2.09
C ASN B 11 11.90 -7.96 1.79
N ALA B 12 10.97 -7.77 2.23
N ALA B 12 10.67 -7.47 1.96
CA ALA B 12 10.54 -6.63 1.44
CA ALA B 12 10.24 -6.25 1.27
C ALA B 12 11.36 -5.39 1.79
C ALA B 12 11.12 -5.08 1.65
N TRP B 13 11.60 -5.19 3.09
N TRP B 13 11.34 -4.89 2.95
CA TRP B 13 12.39 -4.06 3.55
CA TRP B 13 12.16 -3.80 3.44
C TRP B 13 13.80 -4.07 2.95
C TRP B 13 13.58 -3.85 2.86
N TYR B 14 14.47 -5.21 3.04
N TYR B 14 14.20 -5.02 2.94
CA TYR B 14 15.85 -5.32 2.57
CA TYR B 14 15.59 -5.17 2.53
C TYR B 14 15.92 -5.09 1.06
C TYR B 14 15.74 -5.04 1.01
N GLU B 15 14.95 -5.60 0.31
N GLU B 15 14.80 -5.61 0.26
CA GLU B 15 14.93 -5.39 -1.13
CA GLU B 15 14.81 -5.43 -1.20
C GLU B 15 14.72 -3.92 -1.50
C GLU B 15 14.64 -3.96 -1.56
N ILE B 16 13.74 -3.29 -0.87
N ILE B 16 13.74 -3.28 -0.87
CA ILE B 16 13.50 -1.86 -1.10
C ILE B 16 14.74 -1.04 -0.76
N LEU B 17 15.44 -1.41 0.31
CA LEU B 17 16.66 -0.72 0.71
C LEU B 17 17.69 -0.72 -0.41
C LEU B 17 17.70 -0.72 -0.41
N HIS B 18 17.75 -1.82 -1.16
N HIS B 18 17.75 -1.81 -1.16
CA HIS B 18 18.82 -2.02 -2.15
CA HIS B 18 18.80 -2.00 -2.16
C HIS B 18 18.43 -1.70 -3.59
C HIS B 18 18.33 -1.80 -3.61
N LEU B 19 17.15 -1.46 -3.86
N LEU B 19 17.12 -1.28 -3.79
CA LEU B 19 16.74 -1.10 -5.22
CA LEU B 19 16.69 -0.89 -5.12
C LEU B 19 17.50 0.16 -5.66
C LEU B 19 17.54 0.29 -5.59
N PRO B 20 18.33 0.04 -6.71
N PRO B 20 18.34 0.10 -6.65
CA PRO B 20 19.32 1.09 -7.00
CA PRO B 20 19.35 1.10 -7.00
C PRO B 20 18.77 2.40 -7.56
C PRO B 20 18.81 2.41 -7.59
N ASN B 21 17.66 2.36 -8.28
N ASN B 21 17.67 2.37 -8.27
CA ASN B 21 17.21 3.51 -9.05
C ASN B 21 16.18 4.40 -8.35
N LEU B 22 15.80 4.06 -7.13
CA LEU B 22 14.95 4.95 -6.34
C LEU B 22 15.79 6.11 -5.83
N ASN B 23 15.19 7.29 -5.71
CA ASN B 23 15.85 8.39 -5.01
C ASN B 23 15.64 8.23 -3.51
N GLU B 24 16.32 9.04 -2.71
CA GLU B 24 16.30 8.87 -1.26
C GLU B 24 14.90 9.08 -0.69
C GLU B 24 14.89 9.09 -0.69
N GLU B 25 14.18 10.05 -1.26
N GLU B 25 14.17 10.05 -1.27
CA GLU B 25 12.82 10.36 -0.81
CA GLU B 25 12.81 10.37 -0.82
C GLU B 25 11.86 9.20 -1.08
C GLU B 25 11.85 9.20 -1.09
N GLN B 26 11.97 8.62 -2.27
N GLN B 26 11.97 8.62 -2.27
CA GLN B 26 11.13 7.48 -2.65
C GLN B 26 11.41 6.29 -1.74
N ARG B 27 12.68 5.98 -1.56
CA ARG B 27 13.09 4.86 -0.74
C ARG B 27 12.62 5.03 0.70
N ASN B 28 12.84 6.23 1.25
CA ASN B 28 12.42 6.53 2.61
C ASN B 28 10.92 6.37 2.78
N GLY B 29 10.17 6.81 1.77
CA GLY B 29 8.73 6.73 1.80
C GLY B 29 8.21 5.31 1.83
N PHE B 30 8.81 4.43 1.03
CA PHE B 30 8.39 3.04 1.00
C PHE B 30 8.70 2.35 2.32
N ILE B 31 9.88 2.62 2.87
CA ILE B 31 10.28 2.02 4.13
C ILE B 31 9.34 2.45 5.27
C ILE B 31 9.35 2.50 5.25
N GLN B 32 8.94 3.72 5.28
N GLN B 32 9.03 3.79 5.26
CA GLN B 32 8.03 4.21 6.31
CA GLN B 32 8.15 4.35 6.28
C GLN B 32 6.65 3.58 6.15
C GLN B 32 6.73 3.82 6.13
N SER B 33 6.21 3.40 4.91
N SER B 33 6.25 3.77 4.89
CA SER B 33 4.92 2.78 4.65
CA SER B 33 4.91 3.24 4.61
C SER B 33 4.89 1.34 5.13
C SER B 33 4.84 1.78 5.03
N LEU B 34 6.00 0.64 4.95
N LEU B 34 5.96 1.07 4.88
CA LEU B 34 6.10 -0.76 5.34
CA LEU B 34 6.03 -0.33 5.29
C LEU B 34 6.03 -0.90 6.86
C LEU B 34 5.99 -0.44 6.80
N LYS B 35 6.73 -0.03 7.55
N LYS B 35 6.63 0.52 7.48
CA LYS B 35 6.70 0.00 9.02
CA LYS B 35 6.61 0.57 8.94
C LYS B 35 5.29 0.27 9.52
C LYS B 35 5.21 0.89 9.44
N ASP B 36 4.60 1.21 8.87
N ASP B 36 4.52 1.78 8.74
CA ASP B 36 3.28 1.64 9.31
CA ASP B 36 3.18 2.20 9.15
C ASP B 36 2.20 0.60 9.04
C ASP B 36 2.15 1.11 8.95
N ASP B 37 2.41 -0.24 8.04
N ASP B 37 2.34 0.30 7.91
CA ASP B 37 1.47 -1.31 7.70
CA ASP B 37 1.41 -0.78 7.59
C ASP B 37 2.21 -2.49 7.08
C ASP B 37 2.17 -1.95 6.96
N PRO B 38 2.86 -3.31 7.92
N PRO B 38 2.72 -2.85 7.80
CA PRO B 38 3.65 -4.44 7.43
CA PRO B 38 3.49 -3.98 7.29
C PRO B 38 2.86 -5.42 6.55
C PRO B 38 2.70 -4.92 6.39
N SER B 39 1.55 -5.50 6.75
N SER B 39 1.38 -4.98 6.58
CA SER B 39 0.72 -6.42 5.97
CA SER B 39 0.55 -5.89 5.79
C SER B 39 0.58 -5.96 4.51
C SER B 39 0.51 -5.50 4.31
N GLN B 40 1.03 -4.74 4.22
N GLN B 40 0.94 -4.26 4.02
CA GLN B 40 0.97 -4.18 2.88
CA GLN B 40 0.96 -3.77 2.64
C GLN B 40 2.28 -4.46 2.12
C GLN B 40 2.33 -3.99 1.99
N SER B 41 3.11 -5.34 2.68
N SER B 41 3.10 -4.93 2.52
CA SER B 41 4.46 -5.57 2.14
CA SER B 41 4.46 -5.18 2.06
C SER B 41 4.47 -5.95 0.66
C SER B 41 4.50 -5.58 0.58
N ALA B 42 3.59 -6.85 0.25
N ALA B 42 3.57 -6.42 0.16
CA ALA B 42 3.58 -7.33 -1.12
CA ALA B 42 3.54 -6.90 -1.21
C ALA B 42 3.29 -6.21 -2.12
C ALA B 42 3.23 -5.78 -2.20
N ASN B 43 2.29 -5.40 -1.81
N ASN B 43 2.25 -4.95 -1.85
CA ASN B 43 1.92 -4.28 -2.68
CA ASN B 43 1.86 -3.84 -2.70
C ASN B 43 2.99 -3.19 -2.69
C ASN B 43 2.95 -2.75 -2.76
N LEU B 44 3.60 -2.94 -1.54
N LEU B 44 3.46 -2.39 -1.60
CA LEU B 44 4.63 -1.91 -1.43
CA LEU B 44 4.50 -1.36 -1.52
C LEU B 44 5.88 -2.33 -2.20
C LEU B 44 5.74 -1.77 -2.29
N LEU B 45 6.24 -3.60 -2.08
N LEU B 45 6.10 -3.05 -2.20
CA LEU B 45 7.41 -4.11 -2.78
CA LEU B 45 7.27 -3.56 -2.92
C LEU B 45 7.18 -4.02 -4.29
C LEU B 45 7.01 -3.51 -4.42
N ALA B 46 5.99 -4.39 -4.73
N ALA B 46 5.79 -3.82 -4.82
CA ALA B 46 5.66 -4.33 -6.15
CA ALA B 46 5.43 -3.79 -6.24
C ALA B 46 5.72 -2.90 -6.68
C ALA B 46 5.53 -2.38 -6.80
N GLU B 47 5.21 -1.96 -5.89
N GLU B 47 5.06 -1.41 -6.03
CA GLU B 47 5.20 -0.55 -6.28
CA GLU B 47 5.13 -0.01 -6.43
C GLU B 47 6.62 0.00 -6.39
C GLU B 47 6.58 0.45 -6.53
N ALA B 48 7.46 -0.37 -5.43
N ALA B 48 7.41 -0.02 -5.60
CA ALA B 48 8.85 0.09 -5.41
CA ALA B 48 8.82 0.35 -5.56
C ALA B 48 9.62 -0.45 -6.61
C ALA B 48 9.59 -0.25 -6.72
N LYS B 49 9.36 -1.70 -6.96
N LYS B 49 9.38 -1.55 -6.95
CA LYS B 49 10.05 -2.34 -8.08
CA LYS B 49 10.07 -2.24 -8.04
C LYS B 49 9.63 -1.72 -9.41
C LYS B 49 9.62 -1.72 -9.41
N LYS B 50 8.36 -1.32 -9.51
N LYS B 50 8.37 -1.29 -9.49
CA LYS B 50 7.86 -0.66 -10.70
C LYS B 50 8.63 0.63 -10.95
N LEU B 51 8.75 1.46 -9.92
N LEU B 51 8.77 1.43 -9.91
CA LEU B 51 9.47 2.71 -10.05
CA LEU B 51 9.46 2.71 -10.01
C LEU B 51 10.95 2.48 -10.32
C LEU B 51 10.95 2.50 -10.26
N ASN B 52 11.52 1.47 -9.66
N ASN B 52 11.50 1.45 -9.66
CA ASN B 52 12.92 1.14 -9.85
C ASN B 52 13.22 0.74 -11.29
N ASP B 53 12.36 -0.07 -11.87
CA ASP B 53 12.55 -0.51 -13.26
C ASP B 53 12.47 0.68 -14.21
N ALA B 54 11.55 1.59 -13.91
CA ALA B 54 11.28 2.72 -14.78
C ALA B 54 12.39 3.77 -14.71
C ALA B 54 12.38 3.78 -14.72
N GLN B 55 13.15 3.77 -13.62
N GLN B 55 13.06 3.86 -13.58
CA GLN B 55 14.15 4.81 -13.37
CA GLN B 55 14.03 4.92 -13.34
C GLN B 55 15.58 4.35 -13.63
C GLN B 55 15.47 4.48 -13.54
N ALA B 56 15.72 3.15 -14.21
N ALA B 56 15.66 3.28 -14.10
CA ALA B 56 17.04 2.68 -14.63
CA ALA B 56 16.99 2.84 -14.49
C ALA B 56 17.62 3.68 -15.64
C ALA B 56 17.55 3.84 -15.50
N PRO B 57 18.93 3.97 -15.54
N PRO B 57 18.84 4.20 -15.36
CA PRO B 57 19.53 5.01 -16.37
CA PRO B 57 19.41 5.26 -16.21
C PRO B 57 19.40 4.74 -17.87
C PRO B 57 19.28 4.99 -17.71
N LYS B 58 19.20 5.80 -18.64
N LYS B 58 18.98 6.05 -18.45
CA LYS B 58 19.00 5.70 -20.07
CA LYS B 58 18.77 5.98 -19.89
C LYS B 58 20.31 5.43 -20.79
C LYS B 58 20.03 5.52 -20.61
N ALA B 59 20.28 4.47 -21.72
N ALA B 59 19.84 4.78 -21.70
CA ALA B 59 21.41 4.22 -22.62
CA ALA B 59 20.94 4.39 -22.56
C ALA B 59 21.65 5.46 -23.46
C ALA B 59 21.33 5.56 -23.45
N ASP B 60 22.91 5.87 -23.55
N ASP B 60 22.61 5.87 -23.48
CA ASP B 60 23.28 7.02 -24.38
CA ASP B 60 23.12 6.97 -24.30
C ASP B 60 22.85 6.80 -25.81
C ASP B 60 22.72 6.78 -25.76
N ASN B 61 22.43 7.88 -26.48
N ASN B 61 22.32 7.87 -26.39
CA ASN B 61 21.95 7.78 -27.85
CA ASN B 61 21.90 7.83 -27.79
C ASN B 61 23.05 7.32 -28.82
C ASN B 61 23.02 7.40 -28.71
N LYS B 62 24.30 7.42 -28.38
N LYS B 62 24.26 7.49 -28.23
CA LYS B 62 25.42 7.03 -29.23
CA LYS B 62 25.41 7.14 -29.04
C LYS B 62 25.60 5.51 -29.26
C LYS B 62 25.59 5.62 -29.16
N PHE B 63 25.01 4.82 -28.30
N PHE B 63 24.99 4.87 -28.24
CA PHE B 63 24.99 3.36 -28.32
CA PHE B 63 24.97 3.41 -28.34
C PHE B 63 24.14 2.89 -29.48
C PHE B 63 24.19 2.99 -29.56
N ASN B 64 24.63 1.91 -30.22
N ASN B 64 24.62 1.91 -30.22
CA ASN B 64 23.86 1.34 -31.32
C ASN B 64 22.75 0.43 -30.78
N LYS B 65 22.01 -0.20 -31.68
CA LYS B 65 20.85 -1.00 -31.31
C LYS B 65 21.22 -2.16 -30.37
N GLU B 66 22.26 -2.90 -30.73
CA GLU B 66 22.74 -4.01 -29.93
C GLU B 66 23.17 -3.55 -28.55
N GLN B 67 23.89 -2.44 -28.50
CA GLN B 67 24.44 -1.94 -27.24
C GLN B 67 23.33 -1.45 -26.30
C GLN B 67 23.33 -1.45 -26.31
N GLN B 68 22.29 -0.82 -26.85
N GLN B 68 22.30 -0.84 -26.89
CA GLN B 68 21.19 -0.35 -26.02
CA GLN B 68 21.16 -0.37 -26.12
C GLN B 68 20.40 -1.54 -25.44
C GLN B 68 20.45 -1.55 -25.47
N ASN B 69 20.24 -2.60 -26.24
N ASN B 69 20.24 -2.61 -26.26
CA ASN B 69 19.59 -3.81 -25.74
C ASN B 69 20.38 -4.46 -24.60
N ALA B 70 21.70 -4.49 -24.74
CA ALA B 70 22.56 -5.07 -23.71
C ALA B 70 22.49 -4.22 -22.44
N TRP B 71 22.58 -2.91 -22.62
CA TRP B 71 22.48 -1.95 -21.53
C TRP B 71 21.20 -2.17 -20.72
C TRP B 71 21.22 -2.18 -20.68
N TYR B 72 20.07 -2.16 -21.41
N TYR B 72 20.07 -2.23 -21.33
CA TYR B 72 18.79 -2.35 -20.75
CA TYR B 72 18.81 -2.33 -20.61
C TYR B 72 18.74 -3.66 -19.97
C TYR B 72 18.59 -3.71 -19.98
N GLU B 73 19.11 -4.76 -20.62
N GLU B 73 19.12 -4.75 -20.60
CA GLU B 73 19.01 -6.07 -19.99
C GLU B 73 19.86 -6.15 -18.74
N ILE B 74 21.10 -5.68 -18.83
CA ILE B 74 22.01 -5.71 -17.69
C ILE B 74 21.43 -4.92 -16.53
N LEU B 75 20.83 -3.77 -16.84
CA LEU B 75 20.29 -2.90 -15.80
C LEU B 75 19.07 -3.51 -15.09
N HIS B 76 18.47 -4.53 -15.68
CA HIS B 76 17.26 -5.13 -15.13
C HIS B 76 17.40 -6.59 -14.71
N LEU B 77 18.61 -7.13 -14.78
CA LEU B 77 18.84 -8.49 -14.29
C LEU B 77 18.56 -8.53 -12.77
N PRO B 78 17.69 -9.45 -12.33
CA PRO B 78 17.25 -9.42 -10.94
C PRO B 78 18.23 -10.03 -9.91
N ASN B 79 19.14 -10.88 -10.37
CA ASN B 79 20.00 -11.63 -9.46
C ASN B 79 21.45 -11.17 -9.45
N LEU B 80 21.65 -9.86 -9.59
CA LEU B 80 22.96 -9.24 -9.40
C LEU B 80 22.88 -8.29 -8.23
N ASN B 81 23.96 -8.19 -7.47
CA ASN B 81 24.08 -7.04 -6.57
C ASN B 81 24.56 -5.85 -7.38
C ASN B 81 24.57 -5.85 -7.39
N GLU B 82 24.56 -4.66 -6.78
N GLU B 82 24.69 -4.68 -6.76
CA GLU B 82 24.76 -3.45 -7.55
CA GLU B 82 24.97 -3.46 -7.52
C GLU B 82 26.24 -3.17 -7.85
C GLU B 82 26.45 -3.29 -7.83
N GLU B 83 27.14 -3.73 -7.06
N GLU B 83 27.34 -3.88 -7.04
CA GLU B 83 28.56 -3.69 -7.40
CA GLU B 83 28.76 -3.86 -7.36
C GLU B 83 28.76 -4.43 -8.72
C GLU B 83 28.99 -4.62 -8.65
N GLN B 84 28.16 -5.61 -8.79
N GLN B 84 28.34 -5.77 -8.76
CA GLN B 84 28.24 -6.43 -10.00
CA GLN B 84 28.43 -6.61 -9.96
C GLN B 84 27.62 -5.72 -11.19
C GLN B 84 27.85 -5.88 -11.16
N ARG B 85 26.42 -5.20 -11.01
N ARG B 85 26.66 -5.29 -10.99
CA ARG B 85 25.70 -4.51 -12.08
CA ARG B 85 25.97 -4.62 -12.07
C ARG B 85 26.49 -3.29 -12.55
C ARG B 85 26.76 -3.40 -12.54
N ASN B 86 26.91 -2.46 -11.61
N ASN B 86 27.27 -2.63 -11.60
CA ASN B 86 27.66 -1.25 -11.95
CA ASN B 86 28.05 -1.43 -11.94
C ASN B 86 28.96 -1.58 -12.66
C ASN B 86 29.33 -1.79 -12.69
N GLY B 87 29.58 -2.70 -12.30
N GLY B 87 29.90 -2.95 -12.36
CA GLY B 87 30.81 -3.13 -12.96
CA GLY B 87 31.10 -3.42 -13.03
C GLY B 87 30.60 -3.40 -14.43
C GLY B 87 30.86 -3.69 -14.51
N PHE B 88 29.51 -4.11 -14.75
N PHE B 88 29.74 -4.33 -14.82
CA PHE B 88 29.19 -4.42 -16.14
CA PHE B 88 29.40 -4.63 -16.20
C PHE B 88 28.85 -3.15 -16.90
C PHE B 88 29.09 -3.36 -16.97
N ILE B 89 28.07 -2.27 -16.27
N ILE B 89 28.31 -2.48 -16.35
CA ILE B 89 27.66 -1.02 -16.90
CA ILE B 89 27.92 -1.22 -16.98
C ILE B 89 28.86 -0.13 -17.23
C ILE B 89 29.13 -0.33 -17.26
N GLN B 90 29.83 -0.06 -16.33
N GLN B 90 30.05 -0.23 -16.30
CA GLN B 90 31.02 0.75 -16.58
CA GLN B 90 31.24 0.58 -16.48
C GLN B 90 31.87 0.14 -17.70
C GLN B 90 32.07 0.05 -17.65
N SER B 91 31.91 -1.19 -17.76
N SER B 91 32.18 -1.27 -17.76
CA SER B 91 32.65 -1.88 -18.81
CA SER B 91 32.93 -1.89 -18.85
C SER B 91 31.99 -1.63 -20.16
C SER B 91 32.25 -1.64 -20.19
N LEU B 92 30.66 -1.57 -20.17
N LEU B 92 30.93 -1.62 -20.20
CA LEU B 92 29.91 -1.36 -21.41
CA LEU B 92 30.17 -1.42 -21.43
C LEU B 92 30.12 0.06 -21.93
C LEU B 92 30.34 0.00 -21.94
N LYS B 93 30.08 1.04 -21.02
N LYS B 93 30.38 0.98 -21.03
CA LYS B 93 30.33 2.43 -21.39
CA LYS B 93 30.64 2.36 -21.40
C LYS B 93 31.76 2.60 -21.90
C LYS B 93 32.05 2.48 -21.97
N ASP B 94 32.69 1.86 -21.29
N ASP B 94 32.99 1.77 -21.35
CA ASP B 94 34.10 2.00 -21.62
CA ASP B 94 34.40 1.87 -21.70
C ASP B 94 34.43 1.42 -23.00
C ASP B 94 34.68 1.32 -23.10
N ASP B 95 33.75 0.33 -23.36
N ASP B 95 34.12 0.14 -23.40
CA ASP B 95 33.93 -0.28 -24.66
CA ASP B 95 34.27 -0.47 -24.72
C ASP B 95 32.61 -0.92 -25.11
C ASP B 95 32.94 -1.07 -25.16
N PRO B 96 31.74 -0.13 -25.73
N PRO B 96 32.08 -0.26 -25.79
CA PRO B 96 30.42 -0.63 -26.17
CA PRO B 96 30.76 -0.72 -26.23
C PRO B 96 30.50 -1.85 -27.07
C PRO B 96 30.80 -1.94 -27.14
N SER B 97 31.59 -2.03 -27.80
N SER B 97 31.92 -2.16 -27.83
CA SER B 97 31.75 -3.17 -28.69
CA SER B 97 32.04 -3.30 -28.74
C SER B 97 31.85 -4.50 -27.93
C SER B 97 32.12 -4.63 -27.99
N GLN B 98 31.97 -4.41 -26.60
N GLN B 98 32.31 -4.56 -26.68
CA GLN B 98 32.02 -5.60 -25.75
CA GLN B 98 32.35 -5.76 -25.84
C GLN B 98 30.63 -5.99 -25.25
C GLN B 98 30.95 -6.15 -25.35
N SER B 99 29.59 -5.42 -25.86
N SER B 99 29.93 -5.52 -25.93
CA SER B 99 28.22 -5.62 -25.39
CA SER B 99 28.54 -5.71 -25.47
C SER B 99 27.81 -7.09 -25.31
C SER B 99 28.12 -7.18 -25.40
N ALA B 100 28.13 -7.87 -26.34
N ALA B 100 28.45 -7.95 -26.43
CA ALA B 100 27.73 -9.27 -26.38
CA ALA B 100 28.05 -9.36 -26.46
C ALA B 100 28.44 -10.08 -25.30
C ALA B 100 28.71 -10.15 -25.34
N ASN B 101 29.75 -9.91 -25.18
N ASN B 101 30.00 -9.94 -25.15
CA ASN B 101 30.53 -10.63 -24.19
CA ASN B 101 30.75 -10.62 -24.10
C ASN B 101 30.11 -10.26 -22.77
C ASN B 101 30.25 -10.25 -22.71
N LEU B 102 29.94 -8.96 -22.51
N LEU B 102 29.97 -8.97 -22.50
CA LEU B 102 29.53 -8.48 -21.21
C LEU B 102 28.12 -8.97 -20.86
N LEU B 103 27.21 -8.91 -21.83
CA LEU B 103 25.85 -9.39 -21.61
C LEU B 103 25.85 -10.88 -21.28
N ALA B 104 26.63 -11.66 -22.02
CA ALA B 104 26.72 -13.09 -21.75
C ALA B 104 27.25 -13.35 -20.35
N GLU B 105 28.29 -12.60 -19.95
CA GLU B 105 28.90 -12.77 -18.64
C GLU B 105 27.90 -12.41 -17.54
N ALA B 106 27.18 -11.32 -17.74
CA ALA B 106 26.21 -10.86 -16.75
C ALA B 106 25.05 -11.85 -16.60
N LYS B 107 24.56 -12.37 -17.72
CA LYS B 107 23.47 -13.33 -17.68
C LYS B 107 23.90 -14.64 -17.02
N LYS B 108 25.14 -15.04 -17.26
CA LYS B 108 25.67 -16.25 -16.66
C LYS B 108 25.72 -16.10 -15.14
N LEU B 109 26.21 -14.95 -14.68
CA LEU B 109 26.31 -14.68 -13.25
C LEU B 109 24.91 -14.59 -12.64
N ASN B 110 24.01 -13.89 -13.33
CA ASN B 110 22.62 -13.77 -12.91
C ASN B 110 21.94 -15.13 -12.72
C ASN B 110 21.95 -15.13 -12.72
N ASP B 111 22.15 -16.03 -13.66
N ASP B 111 22.20 -16.05 -13.66
CA ASP B 111 21.49 -17.33 -13.64
CA ASP B 111 21.58 -17.36 -13.59
C ASP B 111 22.07 -18.23 -12.54
C ASP B 111 22.23 -18.22 -12.50
N ALA B 112 23.37 -18.09 -12.28
N ALA B 112 23.53 -18.07 -12.32
CA ALA B 112 24.02 -18.88 -11.25
CA ALA B 112 24.26 -18.80 -11.28
C ALA B 112 23.57 -18.46 -9.86
C ALA B 112 23.83 -18.35 -9.89
N GLN B 113 23.30 -17.17 -9.70
N GLN B 113 23.60 -17.05 -9.74
CA GLN B 113 22.92 -16.60 -8.41
CA GLN B 113 23.23 -16.48 -8.45
C GLN B 113 21.40 -16.62 -8.19
C GLN B 113 21.72 -16.45 -8.26
N ALA B 114 20.66 -17.14 -9.16
N ALA B 114 20.99 -17.10 -9.16
CA ALA B 114 19.20 -17.15 -9.08
CA ALA B 114 19.52 -17.13 -9.09
C ALA B 114 18.71 -17.91 -7.85
C ALA B 114 19.06 -17.95 -7.89
N PRO B 115 17.58 -17.48 -7.28
N PRO B 115 17.89 -17.62 -7.32
CA PRO B 115 17.03 -18.14 -6.08
CA PRO B 115 17.32 -18.39 -6.21
C PRO B 115 16.36 -19.47 -6.44
C PRO B 115 16.48 -19.56 -6.73
N LYS B 116 16.08 -20.28 -5.42
N LYS B 116 15.64 -20.13 -5.87
N LYS B 116 15.78 -20.19 -5.67
CA LYS B 116 15.46 -21.58 -5.63
CA LYS B 116 14.73 -21.19 -6.30
CA LYS B 116 15.04 -21.18 -6.44
C LYS B 116 13.94 -21.43 -5.73
C LYS B 116 13.48 -21.22 -5.43
C LYS B 116 13.85 -21.69 -5.62
#